data_2MZL
#
_entry.id   2MZL
#
_entity_poly.entity_id   1
_entity_poly.type   'polypeptide(L)'
_entity_poly.pdbx_seq_one_letter_code
;GE(CGU)(CGU)LQ(CGU)NQ(HYP)(CGU)LIR(CGU)KSN(NH2)
;
_entity_poly.pdbx_strand_id   A
#
loop_
_chem_comp.id
_chem_comp.type
_chem_comp.name
_chem_comp.formula
NH2 non-polymer 'AMINO GROUP' 'H2 N'
#
# COMPACT_ATOMS: atom_id res chain seq x y z
N GLY A 1 -11.97 2.00 -4.60
CA GLY A 1 -11.92 0.62 -4.02
C GLY A 1 -10.61 -0.05 -4.42
N GLU A 2 -10.55 -0.60 -5.59
CA GLU A 2 -9.29 -1.28 -6.03
C GLU A 2 -8.10 -0.35 -5.77
N CGU A 3 -8.26 0.92 -5.99
CA CGU A 3 -7.13 1.87 -5.75
C CGU A 3 -6.64 1.72 -4.31
O CGU A 3 -5.45 1.72 -4.05
CB CGU A 3 -7.61 3.30 -5.98
CG CGU A 3 -6.41 4.24 -5.92
CD1 CGU A 3 -5.42 3.91 -7.03
CD2 CGU A 3 -6.88 5.68 -6.09
OE11 CGU A 3 -5.77 4.10 -8.18
OE12 CGU A 3 -4.32 3.47 -6.71
OE21 CGU A 3 -7.88 6.04 -5.49
OE22 CGU A 3 -6.24 6.42 -6.84
H CGU A 3 -9.13 1.26 -6.31
HA CGU A 3 -6.33 1.64 -6.44
HB2 CGU A 3 -8.33 3.57 -5.23
HB3 CGU A 3 -8.07 3.37 -6.96
HG CGU A 3 -5.93 4.14 -4.95
N CGU A 4 -7.54 1.59 -3.38
CA CGU A 4 -7.12 1.45 -1.96
C CGU A 4 -6.13 0.29 -1.83
O CGU A 4 -5.27 0.27 -0.98
CB CGU A 4 -8.35 1.17 -1.08
CG CGU A 4 -9.39 2.27 -1.32
CD1 CGU A 4 -8.93 3.57 -0.66
CD2 CGU A 4 -10.72 1.85 -0.69
OE11 CGU A 4 -8.99 3.65 0.55
OE12 CGU A 4 -8.52 4.46 -1.38
OE21 CGU A 4 -11.75 2.14 -1.26
OE22 CGU A 4 -10.68 1.23 0.37
H CGU A 4 -8.50 1.59 -3.61
HA CGU A 4 -6.64 2.36 -1.63
HB2 CGU A 4 -8.06 1.17 -0.05
HB3 CGU A 4 -8.76 0.22 -1.35
HG CGU A 4 -9.53 2.42 -2.37
N LEU A 5 -6.24 -0.70 -2.68
CA LEU A 5 -5.32 -1.86 -2.61
C LEU A 5 -3.95 -1.45 -3.18
N GLN A 6 -3.91 -1.06 -4.43
CA GLN A 6 -2.62 -0.67 -5.04
C GLN A 6 -1.89 0.30 -4.11
N CGU A 7 -2.59 1.24 -3.53
CA CGU A 7 -1.93 2.21 -2.62
C CGU A 7 -1.27 1.47 -1.46
O CGU A 7 -0.40 1.99 -0.78
CB CGU A 7 -2.97 3.18 -2.08
CG CGU A 7 -3.40 4.15 -3.19
CD1 CGU A 7 -2.20 4.99 -3.63
CD2 CGU A 7 -4.50 5.08 -2.68
OE11 CGU A 7 -1.63 5.65 -2.77
OE12 CGU A 7 -1.87 4.97 -4.80
OE21 CGU A 7 -5.40 4.59 -2.02
OE22 CGU A 7 -4.41 6.27 -2.94
H CGU A 7 -3.55 1.30 -3.71
HA CGU A 7 -1.17 2.76 -3.17
HB2 CGU A 7 -2.55 3.75 -1.26
HB3 CGU A 7 -3.84 2.63 -1.74
HG CGU A 7 -3.77 3.58 -4.04
N ASN A 8 -1.67 0.26 -1.21
CA ASN A 8 -1.07 -0.51 -0.09
C ASN A 8 -0.48 -1.83 -0.62
N GLN A 9 0.11 -1.78 -1.78
CA GLN A 9 0.70 -3.03 -2.36
C GLN A 9 1.82 -3.54 -1.48
N HYP A 10 2.00 -4.84 -1.44
CA HYP A 10 3.08 -5.41 -0.59
C HYP A 10 4.31 -4.54 -0.68
O HYP A 10 5.07 -4.62 -1.63
CB HYP A 10 3.35 -6.80 -1.20
CG HYP A 10 2.40 -6.95 -2.35
CD HYP A 10 1.95 -5.55 -2.72
OD1 HYP A 10 1.30 -7.70 -2.01
HA HYP A 10 2.74 -5.52 0.43
HB2 HYP A 10 4.36 -6.85 -1.56
HB3 HYP A 10 3.16 -7.58 -0.47
HG HYP A 10 2.94 -7.39 -3.19
HD22 HYP A 10 2.63 -5.11 -3.42
HD23 HYP A 10 0.94 -5.56 -3.10
HD1 HYP A 10 0.93 -7.37 -1.18
N CGU A 11 4.50 -3.69 0.30
CA CGU A 11 5.64 -2.74 0.33
C CGU A 11 5.07 -1.36 0.61
O CGU A 11 5.46 -0.69 1.55
CB CGU A 11 6.39 -2.71 -1.01
CG CGU A 11 7.38 -1.55 -1.02
CD1 CGU A 11 6.74 -0.32 -1.68
CD2 CGU A 11 8.63 -1.94 -1.81
OE11 CGU A 11 6.66 -0.30 -2.89
OE12 CGU A 11 6.34 0.58 -0.96
OE21 CGU A 11 8.64 -1.72 -3.01
OE22 CGU A 11 9.55 -2.47 -1.21
H CGU A 11 3.83 -3.65 1.01
HA CGU A 11 6.32 -3.02 1.12
HB2 CGU A 11 5.67 -2.57 -1.82
HB3 CGU A 11 6.91 -3.64 -1.15
HG CGU A 11 7.66 -1.30 -0.01
N LEU A 12 4.11 -0.92 -0.16
CA LEU A 12 3.51 0.40 0.12
C LEU A 12 2.91 0.34 1.52
N ILE A 13 2.42 -0.81 1.88
CA ILE A 13 1.83 -1.01 3.21
C ILE A 13 2.94 -1.10 4.28
N ARG A 14 4.06 -1.65 3.93
CA ARG A 14 5.17 -1.77 4.92
C ARG A 14 6.00 -0.50 4.83
N CGU A 15 6.50 -0.22 3.67
CA CGU A 15 7.25 1.02 3.50
C CGU A 15 6.32 2.14 3.94
O CGU A 15 6.73 3.27 4.12
CB CGU A 15 7.61 1.16 2.02
CG CGU A 15 9.10 1.48 1.87
CD1 CGU A 15 9.86 0.21 1.46
CD2 CGU A 15 9.28 2.53 0.77
OE11 CGU A 15 10.86 0.33 0.78
OE12 CGU A 15 9.43 -0.85 1.86
OE21 CGU A 15 8.84 3.65 0.95
OE22 CGU A 15 9.88 2.19 -0.25
H CGU A 15 6.36 -0.80 2.90
HA CGU A 15 8.14 1.01 4.12
HB2 CGU A 15 7.02 1.94 1.59
HB3 CGU A 15 7.40 0.22 1.53
HG CGU A 15 9.50 1.86 2.80
N LYS A 16 5.06 1.82 4.10
CA LYS A 16 4.09 2.86 4.54
C LYS A 16 4.70 3.68 5.68
N SER A 17 5.24 3.03 6.66
CA SER A 17 5.86 3.76 7.80
C SER A 17 7.32 4.07 7.49
N ASN A 18 7.99 3.18 6.82
CA ASN A 18 9.43 3.42 6.49
C ASN A 18 9.53 4.17 5.15
N NH2 A 19 9.25 5.44 5.11
HN1 NH2 A 19 8.98 5.92 5.93
HN2 NH2 A 19 9.31 5.93 4.25
N GLY A 1 -12.18 2.17 -4.48
CA GLY A 1 -12.42 0.73 -4.78
C GLY A 1 -11.09 -0.04 -4.71
N GLU A 2 -10.60 -0.50 -5.82
CA GLU A 2 -9.31 -1.24 -5.80
C GLU A 2 -8.15 -0.26 -5.67
N CGU A 3 -8.41 0.99 -5.91
CA CGU A 3 -7.32 2.01 -5.80
C CGU A 3 -6.65 1.90 -4.43
O CGU A 3 -5.44 1.88 -4.31
CB CGU A 3 -7.93 3.41 -5.95
CG CGU A 3 -7.03 4.26 -6.85
CD1 CGU A 3 -7.39 5.74 -6.70
CD2 CGU A 3 -5.57 4.07 -6.44
OE11 CGU A 3 -6.50 6.54 -6.49
OE12 CGU A 3 -8.57 6.04 -6.79
OE21 CGU A 3 -5.33 3.90 -5.25
OE22 CGU A 3 -4.71 4.11 -7.31
H CGU A 3 -9.30 1.27 -6.17
HA CGU A 3 -6.59 1.85 -6.57
HB2 CGU A 3 -8.00 3.87 -4.99
HB3 CGU A 3 -8.91 3.32 -6.40
HG CGU A 3 -7.14 3.96 -7.88
N CGU A 4 -7.43 1.82 -3.38
CA CGU A 4 -6.83 1.72 -2.02
C CGU A 4 -5.83 0.56 -1.98
O CGU A 4 -4.83 0.62 -1.28
CB CGU A 4 -7.95 1.45 -1.01
CG CGU A 4 -9.00 2.56 -1.09
CD1 CGU A 4 -8.42 3.86 -0.57
CD2 CGU A 4 -10.21 2.18 -0.22
OE11 CGU A 4 -9.07 4.89 -0.73
OE12 CGU A 4 -7.33 3.84 -0.03
OE21 CGU A 4 -10.00 1.87 0.94
OE22 CGU A 4 -11.31 2.22 -0.74
H CGU A 4 -8.39 1.85 -3.50
HA CGU A 4 -6.34 2.64 -1.77
HB2 CGU A 4 -7.53 1.44 -0.01
HB3 CGU A 4 -8.41 0.50 -1.21
HG CGU A 4 -9.32 2.68 -2.11
N LEU A 5 -6.08 -0.49 -2.69
CA LEU A 5 -5.15 -1.65 -2.68
C LEU A 5 -3.82 -1.25 -3.34
N GLN A 6 -3.87 -0.80 -4.56
CA GLN A 6 -2.61 -0.41 -5.25
C GLN A 6 -1.80 0.54 -4.37
N CGU A 7 -2.44 1.19 -3.43
CA CGU A 7 -1.71 2.13 -2.55
C CGU A 7 -1.07 1.36 -1.39
O CGU A 7 -0.21 1.87 -0.69
CB CGU A 7 -2.68 3.17 -1.99
CG CGU A 7 -3.13 4.12 -3.10
CD1 CGU A 7 -1.91 4.80 -3.72
CD2 CGU A 7 -4.06 5.18 -2.53
OE11 CGU A 7 -1.35 4.25 -4.64
OE12 CGU A 7 -1.56 5.87 -3.26
OE21 CGU A 7 -4.80 5.77 -3.30
OE22 CGU A 7 -4.01 5.39 -1.33
H CGU A 7 -3.41 1.06 -3.32
HA CGU A 7 -0.94 2.64 -3.11
HB2 CGU A 7 -2.18 3.74 -1.21
HB3 CGU A 7 -3.54 2.67 -1.56
HG CGU A 7 -3.65 3.55 -3.86
N ASN A 8 -1.48 0.14 -1.18
CA ASN A 8 -0.90 -0.66 -0.07
C ASN A 8 -0.32 -1.96 -0.64
N GLN A 9 0.29 -1.88 -1.79
CA GLN A 9 0.86 -3.11 -2.41
C GLN A 9 1.97 -3.67 -1.53
N HYP A 10 2.15 -4.97 -1.53
CA HYP A 10 3.20 -5.59 -0.70
C HYP A 10 4.44 -4.72 -0.70
O HYP A 10 5.22 -4.73 -1.64
CB HYP A 10 3.48 -6.95 -1.39
CG HYP A 10 2.56 -7.03 -2.57
CD HYP A 10 2.12 -5.60 -2.85
OD1 HYP A 10 1.44 -7.79 -2.29
HA HYP A 10 2.85 -5.76 0.30
HB2 HYP A 10 4.51 -6.97 -1.72
HB3 HYP A 10 3.29 -7.75 -0.70
HG HYP A 10 3.11 -7.42 -3.42
HD22 HYP A 10 2.82 -5.13 -3.52
HD23 HYP A 10 1.12 -5.59 -3.26
HD1 HYP A 10 0.68 -7.21 -2.20
N CGU A 11 4.60 -3.94 0.34
CA CGU A 11 5.75 -2.99 0.47
C CGU A 11 5.17 -1.62 0.74
O CGU A 11 5.52 -0.95 1.69
CB CGU A 11 6.60 -2.95 -0.80
CG CGU A 11 7.67 -1.88 -0.67
CD1 CGU A 11 7.29 -0.67 -1.53
CD2 CGU A 11 9.02 -2.43 -1.16
OE11 CGU A 11 7.65 -0.66 -2.70
OE12 CGU A 11 6.67 0.25 -0.99
OE21 CGU A 11 9.48 -1.98 -2.19
OE22 CGU A 11 9.55 -3.30 -0.49
H CGU A 11 3.93 -3.97 1.04
HA CGU A 11 6.36 -3.29 1.32
HB2 CGU A 11 5.96 -2.72 -1.64
HB3 CGU A 11 7.07 -3.91 -0.96
HG CGU A 11 7.75 -1.58 0.36
N LEU A 12 4.23 -1.17 -0.07
CA LEU A 12 3.62 0.15 0.19
C LEU A 12 2.98 0.06 1.58
N ILE A 13 2.52 -1.11 1.92
CA ILE A 13 1.88 -1.32 3.24
C ILE A 13 2.96 -1.29 4.34
N ARG A 14 4.13 -1.80 4.05
CA ARG A 14 5.21 -1.79 5.07
C ARG A 14 5.94 -0.48 4.92
N CGU A 15 6.47 -0.23 3.76
CA CGU A 15 7.13 1.06 3.54
C CGU A 15 6.12 2.13 3.90
O CGU A 15 6.45 3.29 4.04
CB CGU A 15 7.50 1.15 2.06
CG CGU A 15 8.96 1.58 1.90
CD1 CGU A 15 9.84 0.36 1.70
CD2 CGU A 15 9.08 2.49 0.68
OE11 CGU A 15 10.49 0.28 0.67
OE12 CGU A 15 9.87 -0.48 2.58
OE21 CGU A 15 8.16 2.51 -0.12
OE22 CGU A 15 10.10 3.15 0.55
H CGU A 15 6.40 -0.86 3.04
HA CGU A 15 8.01 1.13 4.17
HB2 CGU A 15 6.85 1.85 1.59
HB3 CGU A 15 7.37 0.17 1.61
HG CGU A 15 9.27 2.12 2.78
N LYS A 16 4.88 1.73 4.07
CA LYS A 16 3.83 2.73 4.44
C LYS A 16 4.39 3.64 5.53
N SER A 17 4.92 3.07 6.58
CA SER A 17 5.50 3.91 7.68
C SER A 17 6.94 4.28 7.33
N ASN A 18 7.60 3.46 6.55
CA ASN A 18 9.01 3.76 6.18
C ASN A 18 9.84 3.92 7.45
N NH2 A 19 9.40 3.44 8.58
HN1 NH2 A 19 8.54 2.97 8.60
HN2 NH2 A 19 9.93 3.54 9.40
N GLY A 1 -11.73 2.38 -4.00
CA GLY A 1 -11.84 0.94 -3.65
C GLY A 1 -10.62 0.18 -4.19
N GLU A 2 -10.48 0.12 -5.49
CA GLU A 2 -9.31 -0.60 -6.07
C GLU A 2 -8.04 0.19 -5.78
N CGU A 3 -8.17 1.47 -5.55
CA CGU A 3 -6.95 2.31 -5.27
C CGU A 3 -6.36 1.90 -3.92
O CGU A 3 -5.17 1.67 -3.80
CB CGU A 3 -7.36 3.77 -5.22
CG CGU A 3 -6.11 4.65 -5.33
CD1 CGU A 3 -5.81 4.96 -6.80
CD2 CGU A 3 -6.35 5.97 -4.59
OE11 CGU A 3 -6.74 5.33 -7.50
OE12 CGU A 3 -4.67 4.80 -7.20
OE21 CGU A 3 -5.85 6.11 -3.49
OE22 CGU A 3 -7.02 6.83 -5.15
H CGU A 3 -9.06 1.89 -5.56
HA CGU A 3 -6.22 2.15 -6.04
HB2 CGU A 3 -7.87 3.99 -4.29
HB3 CGU A 3 -8.03 4.00 -6.05
HG CGU A 3 -5.27 4.14 -4.89
N CGU A 4 -7.17 1.82 -2.90
CA CGU A 4 -6.64 1.43 -1.56
C CGU A 4 -5.79 0.17 -1.68
O CGU A 4 -4.85 -0.03 -0.93
CB CGU A 4 -7.81 1.16 -0.61
CG CGU A 4 -8.12 2.43 0.20
CD1 CGU A 4 -7.10 2.56 1.34
CD2 CGU A 4 -9.52 2.32 0.80
OE11 CGU A 4 -6.90 1.59 2.05
OE12 CGU A 4 -6.55 3.63 1.48
OE21 CGU A 4 -10.43 1.99 0.07
OE22 CGU A 4 -9.66 2.59 1.99
H CGU A 4 -8.12 2.01 -3.01
HA CGU A 4 -6.04 2.24 -1.16
HB2 CGU A 4 -7.55 0.35 0.06
HB3 CGU A 4 -8.68 0.88 -1.18
HG CGU A 4 -8.06 3.29 -0.45
N LEU A 5 -6.10 -0.69 -2.61
CA LEU A 5 -5.31 -1.94 -2.78
C LEU A 5 -3.92 -1.58 -3.30
N GLN A 6 -3.85 -0.99 -4.45
CA GLN A 6 -2.53 -0.63 -5.03
C GLN A 6 -1.75 0.24 -4.03
N CGU A 7 -2.45 1.05 -3.28
CA CGU A 7 -1.75 1.91 -2.29
C CGU A 7 -1.17 1.06 -1.16
O CGU A 7 -0.32 1.48 -0.42
CB CGU A 7 -2.75 2.92 -1.70
CG CGU A 7 -3.18 3.89 -2.80
CD1 CGU A 7 -1.95 4.60 -3.38
CD2 CGU A 7 -4.12 4.95 -2.20
OE11 CGU A 7 -1.88 4.70 -4.59
OE12 CGU A 7 -1.12 5.03 -2.60
OE21 CGU A 7 -3.74 6.11 -2.21
OE22 CGU A 7 -5.18 4.57 -1.75
H CGU A 7 -3.43 1.09 -3.37
HA CGU A 7 -0.95 2.44 -2.78
HB2 CGU A 7 -2.28 3.47 -0.91
HB3 CGU A 7 -3.61 2.39 -1.32
HG CGU A 7 -3.69 3.36 -3.58
N ASN A 8 -1.65 -0.15 -1.03
CA ASN A 8 -1.13 -1.04 0.04
C ASN A 8 -0.47 -2.27 -0.59
N GLN A 9 0.22 -2.08 -1.69
CA GLN A 9 0.86 -3.25 -2.35
C GLN A 9 1.98 -3.79 -1.48
N HYP A 10 2.18 -5.09 -1.48
CA HYP A 10 3.26 -5.67 -0.65
C HYP A 10 4.48 -4.77 -0.68
O HYP A 10 5.25 -4.79 -1.61
CB HYP A 10 3.57 -7.03 -1.31
CG HYP A 10 2.64 -7.15 -2.49
CD HYP A 10 2.17 -5.74 -2.80
OD1 HYP A 10 1.55 -7.93 -2.19
HA HYP A 10 2.92 -5.82 0.37
HB2 HYP A 10 4.59 -7.04 -1.65
HB3 HYP A 10 3.39 -7.83 -0.62
HG HYP A 10 3.20 -7.54 -3.32
HD22 HYP A 10 2.85 -5.26 -3.48
HD23 HYP A 10 1.16 -5.76 -3.20
HD1 HYP A 10 1.43 -8.59 -2.89
N CGU A 11 4.63 -3.96 0.34
CA CGU A 11 5.76 -2.99 0.44
C CGU A 11 5.15 -1.60 0.63
O CGU A 11 5.45 -0.90 1.57
CB CGU A 11 6.62 -3.00 -0.80
CG CGU A 11 7.71 -1.92 -0.69
CD1 CGU A 11 7.35 -0.75 -1.62
CD2 CGU A 11 9.05 -2.49 -1.12
OE11 CGU A 11 7.93 -0.67 -2.69
OE12 CGU A 11 6.52 0.05 -1.24
OE21 CGU A 11 10.03 -2.21 -0.44
OE22 CGU A 11 9.09 -3.20 -2.12
H CGU A 11 3.97 -3.98 1.05
HA CGU A 11 6.36 -3.23 1.31
HB2 CGU A 11 6.01 -2.79 -1.67
HB3 CGU A 11 7.11 -3.96 -0.91
HG CGU A 11 7.75 -1.57 0.33
N LEU A 12 4.25 -1.21 -0.24
CA LEU A 12 3.62 0.12 -0.05
C LEU A 12 2.95 0.12 1.32
N ILE A 13 2.50 -1.03 1.72
CA ILE A 13 1.84 -1.18 3.04
C ILE A 13 2.89 -1.12 4.16
N ARG A 14 4.05 -1.66 3.92
CA ARG A 14 5.12 -1.64 4.96
C ARG A 14 5.86 -0.34 4.80
N CGU A 15 6.43 -0.13 3.65
CA CGU A 15 7.11 1.14 3.40
C CGU A 15 6.11 2.23 3.75
O CGU A 15 6.45 3.38 3.90
CB CGU A 15 7.48 1.19 1.93
CG CGU A 15 8.96 1.55 1.77
CD1 CGU A 15 9.79 0.28 1.77
CD2 CGU A 15 9.16 2.30 0.45
OE11 CGU A 15 9.90 -0.33 0.72
OE12 CGU A 15 10.32 -0.07 2.81
OE21 CGU A 15 10.11 3.06 0.36
OE22 CGU A 15 8.37 2.09 -0.45
H CGU A 15 6.37 -0.79 2.94
HA CGU A 15 7.99 1.22 4.03
HB2 CGU A 15 6.88 1.94 1.44
HB3 CGU A 15 7.29 0.23 1.48
HG CGU A 15 9.26 2.18 2.59
N LYS A 16 4.86 1.86 3.89
CA LYS A 16 3.82 2.87 4.24
C LYS A 16 4.37 3.76 5.36
N SER A 17 4.83 3.18 6.43
CA SER A 17 5.36 4.00 7.56
C SER A 17 6.82 4.38 7.27
N ASN A 18 7.51 3.56 6.51
CA ASN A 18 8.93 3.88 6.20
C ASN A 18 9.78 3.73 7.47
N NH2 A 19 11.02 3.32 7.37
HN1 NH2 A 19 11.39 3.11 6.48
HN2 NH2 A 19 11.56 3.22 8.18
N GLY A 1 -12.90 1.24 -2.82
CA GLY A 1 -12.37 1.30 -4.21
C GLY A 1 -11.14 0.38 -4.32
N GLU A 2 -10.87 -0.10 -5.50
CA GLU A 2 -9.69 -1.00 -5.67
C GLU A 2 -8.41 -0.16 -5.72
N CGU A 3 -8.55 1.11 -5.97
CA CGU A 3 -7.34 1.99 -6.03
C CGU A 3 -6.64 2.01 -4.68
O CGU A 3 -5.43 2.00 -4.59
CB CGU A 3 -7.77 3.41 -6.42
CG CGU A 3 -6.55 4.32 -6.41
CD1 CGU A 3 -5.60 3.94 -7.55
CD2 CGU A 3 -6.98 5.78 -6.63
OE11 CGU A 3 -5.75 4.48 -8.63
OE12 CGU A 3 -4.76 3.09 -7.32
OE21 CGU A 3 -6.67 6.60 -5.78
OE22 CGU A 3 -7.63 6.04 -7.63
H CGU A 3 -9.44 1.50 -6.10
HA CGU A 3 -6.67 1.61 -6.79
HB2 CGU A 3 -8.49 3.77 -5.69
HB3 CGU A 3 -8.21 3.41 -7.41
HG CGU A 3 -6.03 4.25 -5.47
N CGU A 4 -7.39 2.05 -3.61
CA CGU A 4 -6.76 2.08 -2.26
C CGU A 4 -5.93 0.82 -2.05
O CGU A 4 -4.93 0.82 -1.35
CB CGU A 4 -7.85 2.15 -1.19
CG CGU A 4 -8.49 3.54 -1.20
CD1 CGU A 4 -7.99 4.34 0.01
CD2 CGU A 4 -10.01 3.40 -1.12
OE11 CGU A 4 -7.54 5.45 -0.18
OE12 CGU A 4 -8.09 3.82 1.12
OE21 CGU A 4 -10.65 3.52 -2.15
OE22 CGU A 4 -10.51 3.20 -0.03
H CGU A 4 -8.36 2.06 -3.69
HA CGU A 4 -6.12 2.94 -2.18
HB2 CGU A 4 -7.42 1.96 -0.22
HB3 CGU A 4 -8.61 1.41 -1.39
HG CGU A 4 -8.22 4.06 -2.11
N LEU A 5 -6.31 -0.27 -2.66
CA LEU A 5 -5.55 -1.53 -2.49
C LEU A 5 -4.12 -1.32 -2.99
N GLN A 6 -3.98 -0.91 -4.22
CA GLN A 6 -2.61 -0.69 -4.77
C GLN A 6 -1.79 0.13 -3.78
N CGU A 7 -2.40 1.11 -3.16
CA CGU A 7 -1.64 1.95 -2.19
C CGU A 7 -1.08 1.06 -1.08
O CGU A 7 -0.26 1.48 -0.29
CB CGU A 7 -2.59 3.00 -1.58
CG CGU A 7 -2.99 4.00 -2.66
CD1 CGU A 7 -1.82 4.94 -2.95
CD2 CGU A 7 -4.18 4.83 -2.16
OE11 CGU A 7 -1.64 5.89 -2.19
OE12 CGU A 7 -1.12 4.71 -3.92
OE21 CGU A 7 -4.13 5.29 -1.04
OE22 CGU A 7 -5.12 5.00 -2.92
H CGU A 7 -3.34 1.30 -3.34
HA CGU A 7 -0.83 2.46 -2.69
HB2 CGU A 7 -2.09 3.51 -0.78
HB3 CGU A 7 -3.47 2.50 -1.20
HG CGU A 7 -3.27 3.48 -3.57
N ASN A 8 -1.52 -0.16 -1.01
CA ASN A 8 -1.00 -1.09 0.04
C ASN A 8 -0.32 -2.28 -0.63
N GLN A 9 0.36 -2.05 -1.72
CA GLN A 9 1.04 -3.17 -2.44
C GLN A 9 2.16 -3.73 -1.55
N HYP A 10 2.37 -5.03 -1.57
CA HYP A 10 3.44 -5.61 -0.73
C HYP A 10 4.66 -4.70 -0.74
O HYP A 10 5.44 -4.71 -1.66
CB HYP A 10 3.76 -6.96 -1.39
CG HYP A 10 2.84 -7.09 -2.57
CD HYP A 10 2.37 -5.68 -2.89
OD1 HYP A 10 1.75 -7.87 -2.29
HA HYP A 10 3.08 -5.76 0.27
HB2 HYP A 10 4.79 -6.97 -1.72
HB3 HYP A 10 3.58 -7.76 -0.69
HG HYP A 10 3.42 -7.48 -3.41
HD22 HYP A 10 3.07 -5.20 -3.56
HD23 HYP A 10 1.39 -5.70 -3.32
HD1 HYP A 10 1.69 -8.58 -2.93
N CGU A 11 4.78 -3.89 0.28
CA CGU A 11 5.89 -2.90 0.40
C CGU A 11 5.25 -1.54 0.65
O CGU A 11 5.54 -0.87 1.61
CB CGU A 11 6.72 -2.84 -0.88
CG CGU A 11 7.71 -1.68 -0.78
CD1 CGU A 11 7.14 -0.45 -1.52
CD2 CGU A 11 9.04 -2.07 -1.43
OE11 CGU A 11 6.37 0.27 -0.92
OE12 CGU A 11 7.49 -0.28 -2.68
OE21 CGU A 11 9.03 -2.38 -2.61
OE22 CGU A 11 10.04 -2.04 -0.74
H CGU A 11 4.09 -3.91 0.98
HA CGU A 11 6.52 -3.16 1.24
HB2 CGU A 11 6.08 -2.67 -1.72
HB3 CGU A 11 7.27 -3.76 -1.00
HG CGU A 11 7.87 -1.43 0.25
N LEU A 12 4.33 -1.14 -0.19
CA LEU A 12 3.66 0.17 0.04
C LEU A 12 2.99 0.09 1.40
N ILE A 13 2.59 -1.10 1.78
CA ILE A 13 1.94 -1.31 3.09
C ILE A 13 3.00 -1.27 4.20
N ARG A 14 4.18 -1.76 3.91
CA ARG A 14 5.26 -1.76 4.94
C ARG A 14 5.97 -0.44 4.81
N CGU A 15 6.51 -0.17 3.66
CA CGU A 15 7.17 1.12 3.46
C CGU A 15 6.15 2.17 3.86
O CGU A 15 6.47 3.33 4.05
CB CGU A 15 7.51 1.25 1.98
CG CGU A 15 8.95 1.70 1.82
CD1 CGU A 15 9.87 0.48 1.70
CD2 CGU A 15 9.10 2.54 0.53
OE11 CGU A 15 10.40 0.27 0.63
OE12 CGU A 15 10.01 -0.23 2.68
OE21 CGU A 15 8.08 2.76 -0.11
OE22 CGU A 15 10.20 2.94 0.24
H CGU A 15 6.46 -0.80 2.92
HA CGU A 15 8.06 1.19 4.07
HB2 CGU A 15 6.85 1.97 1.52
HB3 CGU A 15 7.37 0.29 1.50
HG CGU A 15 9.25 2.29 2.66
N LYS A 16 4.91 1.77 4.01
CA LYS A 16 3.86 2.75 4.41
C LYS A 16 4.39 3.60 5.57
N SER A 17 4.91 2.97 6.59
CA SER A 17 5.44 3.74 7.75
C SER A 17 6.84 4.27 7.41
N ASN A 18 7.60 3.52 6.66
CA ASN A 18 8.97 3.99 6.31
C ASN A 18 9.68 4.50 7.56
N NH2 A 19 10.11 3.64 8.45
HN1 NH2 A 19 9.98 2.67 8.30
HN2 NH2 A 19 10.56 3.96 9.26
N GLY A 1 -11.59 4.08 -2.79
CA GLY A 1 -11.59 3.49 -4.17
C GLY A 1 -10.56 2.37 -4.25
N GLU A 2 -10.35 1.83 -5.42
CA GLU A 2 -9.34 0.73 -5.56
C GLU A 2 -7.96 1.27 -5.19
N CGU A 3 -7.75 2.55 -5.30
CA CGU A 3 -6.42 3.12 -4.95
C CGU A 3 -6.05 2.69 -3.53
O CGU A 3 -4.92 2.34 -3.25
CB CGU A 3 -6.47 4.64 -5.03
CG CGU A 3 -6.48 5.08 -6.48
CD1 CGU A 3 -6.85 6.57 -6.57
CD2 CGU A 3 -5.09 4.89 -7.09
OE11 CGU A 3 -7.79 6.87 -7.29
OE12 CGU A 3 -6.19 7.37 -5.93
OE21 CGU A 3 -4.28 4.25 -6.45
OE22 CGU A 3 -4.86 5.40 -8.17
H CGU A 3 -8.47 3.14 -5.60
HA CGU A 3 -5.68 2.74 -5.64
HB2 CGU A 3 -5.61 5.06 -4.53
HB3 CGU A 3 -7.37 4.99 -4.54
HG CGU A 3 -7.20 4.50 -7.03
N CGU A 4 -6.99 2.69 -2.63
CA CGU A 4 -6.69 2.27 -1.23
C CGU A 4 -6.05 0.88 -1.25
O CGU A 4 -5.25 0.54 -0.40
CB CGU A 4 -7.98 2.23 -0.42
CG CGU A 4 -8.33 3.63 0.07
CD1 CGU A 4 -7.73 3.86 1.47
CD2 CGU A 4 -9.84 3.79 0.16
OE11 CGU A 4 -7.12 2.94 1.98
OE12 CGU A 4 -7.89 4.95 1.99
OE21 CGU A 4 -10.52 2.77 0.21
OE22 CGU A 4 -10.31 4.91 0.19
H CGU A 4 -7.89 2.96 -2.88
HA CGU A 4 -6.01 2.98 -0.79
HB2 CGU A 4 -7.85 1.57 0.42
HB3 CGU A 4 -8.79 1.86 -1.04
HG CGU A 4 -7.94 4.37 -0.61
N LEU A 5 -6.40 0.09 -2.22
CA LEU A 5 -5.81 -1.28 -2.30
C LEU A 5 -4.39 -1.20 -2.86
N GLN A 6 -4.26 -0.70 -4.06
CA GLN A 6 -2.91 -0.59 -4.66
C GLN A 6 -2.03 0.31 -3.80
N CGU A 7 -2.62 1.29 -3.17
CA CGU A 7 -1.81 2.21 -2.31
C CGU A 7 -1.12 1.38 -1.21
O CGU A 7 -0.15 1.81 -0.61
CB CGU A 7 -2.74 3.24 -1.66
CG CGU A 7 -3.06 4.34 -2.67
CD1 CGU A 7 -1.82 5.19 -2.91
CD2 CGU A 7 -4.18 5.23 -2.12
OE11 CGU A 7 -1.01 4.81 -3.74
OE12 CGU A 7 -1.70 6.22 -2.27
OE21 CGU A 7 -4.36 6.31 -2.65
OE22 CGU A 7 -4.84 4.81 -1.18
H CGU A 7 -3.58 1.43 -3.26
HA CGU A 7 -1.07 2.71 -2.89
HB2 CGU A 7 -2.25 3.67 -0.80
HB3 CGU A 7 -3.65 2.76 -1.34
HG CGU A 7 -3.38 3.89 -3.60
N ASN A 8 -1.61 0.21 -0.96
CA ASN A 8 -0.98 -0.66 0.08
C ASN A 8 -0.36 -1.89 -0.58
N GLN A 9 0.23 -1.71 -1.73
CA GLN A 9 0.84 -2.88 -2.43
C GLN A 9 1.92 -3.51 -1.56
N HYP A 10 2.06 -4.81 -1.60
CA HYP A 10 3.10 -5.47 -0.78
C HYP A 10 4.38 -4.64 -0.79
O HYP A 10 5.14 -4.68 -1.73
CB HYP A 10 3.34 -6.83 -1.46
CG HYP A 10 2.40 -6.88 -2.63
CD HYP A 10 2.00 -5.45 -2.92
OD1 HYP A 10 1.27 -7.62 -2.35
HA HYP A 10 2.75 -5.62 0.23
HB2 HYP A 10 4.36 -6.89 -1.81
HB3 HYP A 10 3.11 -7.64 -0.78
HG HYP A 10 2.95 -7.29 -3.49
HD22 HYP A 10 2.69 -5.00 -3.61
HD23 HYP A 10 0.99 -5.41 -3.31
HD1 HYP A 10 1.53 -8.52 -2.14
N CGU A 11 4.58 -3.88 0.26
CA CGU A 11 5.76 -2.98 0.39
C CGU A 11 5.23 -1.57 0.60
O CGU A 11 5.61 -0.89 1.54
CB CGU A 11 6.62 -3.01 -0.88
CG CGU A 11 7.78 -2.01 -0.74
CD1 CGU A 11 7.87 -1.16 -2.01
CD2 CGU A 11 9.09 -2.77 -0.56
OE11 CGU A 11 8.70 -1.48 -2.85
OE12 CGU A 11 7.13 -0.20 -2.12
OE21 CGU A 11 9.45 -3.04 0.57
OE22 CGU A 11 9.73 -3.08 -1.56
H CGU A 11 3.91 -3.88 0.97
HA CGU A 11 6.35 -3.26 1.24
HB2 CGU A 11 6.02 -2.73 -1.73
HB3 CGU A 11 7.03 -4.00 -1.02
HG CGU A 11 7.62 -1.38 0.12
N LEU A 12 4.32 -1.13 -0.21
CA LEU A 12 3.75 0.23 0.01
C LEU A 12 3.07 0.22 1.37
N ILE A 13 2.56 -0.93 1.74
CA ILE A 13 1.88 -1.08 3.05
C ILE A 13 2.92 -1.13 4.17
N ARG A 14 4.06 -1.69 3.91
CA ARG A 14 5.10 -1.76 4.97
C ARG A 14 5.91 -0.48 4.88
N CGU A 15 6.51 -0.26 3.76
CA CGU A 15 7.25 0.98 3.58
C CGU A 15 6.28 2.11 3.92
O CGU A 15 6.66 3.24 4.10
CB CGU A 15 7.68 1.08 2.12
CG CGU A 15 9.17 1.43 2.03
CD1 CGU A 15 9.99 0.15 1.86
CD2 CGU A 15 9.40 2.32 0.81
OE11 CGU A 15 11.06 0.08 2.44
OE12 CGU A 15 9.53 -0.74 1.17
OE21 CGU A 15 10.47 2.91 0.73
OE22 CGU A 15 8.51 2.40 -0.02
H CGU A 15 6.44 -0.88 3.01
HA CGU A 15 8.11 1.01 4.24
HB2 CGU A 15 7.10 1.84 1.62
HB3 CGU A 15 7.51 0.13 1.65
HG CGU A 15 9.48 1.95 2.92
N LYS A 16 5.01 1.78 4.02
CA LYS A 16 4.01 2.82 4.37
C LYS A 16 4.55 3.68 5.52
N SER A 17 5.07 3.05 6.53
CA SER A 17 5.62 3.83 7.68
C SER A 17 7.08 4.16 7.41
N ASN A 18 7.80 3.28 6.77
CA ASN A 18 9.23 3.57 6.47
C ASN A 18 9.34 4.41 5.20
N NH2 A 19 8.67 5.53 5.13
HN1 NH2 A 19 8.11 5.82 5.88
HN2 NH2 A 19 8.73 6.09 4.31
N GLY A 1 -12.76 0.57 -6.56
CA GLY A 1 -12.22 0.83 -5.19
C GLY A 1 -10.88 0.11 -5.03
N GLU A 2 -10.39 -0.50 -6.07
CA GLU A 2 -9.09 -1.22 -5.97
C GLU A 2 -7.99 -0.23 -5.59
N CGU A 3 -8.17 1.02 -5.89
CA CGU A 3 -7.13 2.03 -5.55
C CGU A 3 -6.66 1.81 -4.11
O CGU A 3 -5.49 1.89 -3.79
CB CGU A 3 -7.71 3.43 -5.70
CG CGU A 3 -6.58 4.47 -5.59
CD1 CGU A 3 -5.85 4.57 -6.94
CD2 CGU A 3 -7.16 5.83 -5.24
OE11 CGU A 3 -6.49 4.93 -7.91
OE12 CGU A 3 -4.66 4.30 -6.96
OE21 CGU A 3 -7.11 6.20 -4.08
OE22 CGU A 3 -7.66 6.49 -6.14
H CGU A 3 -9.00 1.31 -6.34
HA CGU A 3 -6.28 1.92 -6.22
HB2 CGU A 3 -8.43 3.61 -4.91
HB3 CGU A 3 -8.18 3.53 -6.66
HG CGU A 3 -5.88 4.17 -4.83
N CGU A 4 -7.58 1.53 -3.22
CA CGU A 4 -7.20 1.30 -1.79
C CGU A 4 -6.17 0.16 -1.72
O CGU A 4 -5.35 0.11 -0.83
CB CGU A 4 -8.43 0.93 -0.98
CG CGU A 4 -9.44 2.08 -1.02
CD1 CGU A 4 -8.84 3.32 -0.34
CD2 CGU A 4 -10.71 1.68 -0.27
OE11 CGU A 4 -8.46 3.20 0.80
OE12 CGU A 4 -8.78 4.36 -0.98
OE21 CGU A 4 -11.58 1.08 -0.90
OE22 CGU A 4 -10.80 1.98 0.91
H CGU A 4 -8.51 1.46 -3.49
HA CGU A 4 -6.75 2.20 -1.40
HB2 CGU A 4 -8.15 0.75 0.04
HB3 CGU A 4 -8.88 0.04 -1.40
HG CGU A 4 -9.68 2.32 -2.05
N LEU A 5 -6.22 -0.76 -2.65
CA LEU A 5 -5.26 -1.90 -2.62
C LEU A 5 -3.90 -1.41 -3.14
N GLN A 6 -3.85 -0.94 -4.35
CA GLN A 6 -2.56 -0.48 -4.92
C GLN A 6 -1.86 0.43 -3.91
N CGU A 7 -2.60 1.25 -3.22
CA CGU A 7 -1.98 2.17 -2.23
C CGU A 7 -1.28 1.34 -1.14
O CGU A 7 -0.41 1.82 -0.44
CB CGU A 7 -3.06 3.03 -1.58
CG CGU A 7 -3.44 4.17 -2.54
CD1 CGU A 7 -2.42 5.30 -2.43
CD2 CGU A 7 -4.82 4.71 -2.17
OE11 CGU A 7 -1.24 5.02 -2.58
OE12 CGU A 7 -2.83 6.42 -2.20
OE21 CGU A 7 -5.50 4.05 -1.40
OE22 CGU A 7 -5.17 5.78 -2.64
H CGU A 7 -3.57 1.28 -3.37
HA CGU A 7 -1.26 2.80 -2.72
HB2 CGU A 7 -2.68 3.45 -0.66
HB3 CGU A 7 -3.93 2.43 -1.38
HG CGU A 7 -3.46 3.80 -3.55
N ASN A 8 -1.65 0.10 -0.99
CA ASN A 8 -1.01 -0.76 0.04
C ASN A 8 -0.35 -1.96 -0.64
N GLN A 9 0.25 -1.74 -1.77
CA GLN A 9 0.92 -2.87 -2.49
C GLN A 9 1.94 -3.53 -1.56
N HYP A 10 2.04 -4.84 -1.59
CA HYP A 10 3.03 -5.50 -0.70
C HYP A 10 4.33 -4.70 -0.69
O HYP A 10 5.13 -4.80 -1.60
CB HYP A 10 3.25 -6.89 -1.32
CG HYP A 10 2.36 -6.95 -2.53
CD HYP A 10 2.02 -5.51 -2.89
OD1 HYP A 10 1.19 -7.63 -2.27
HA HYP A 10 2.64 -5.60 0.29
HB2 HYP A 10 4.28 -6.99 -1.63
HB3 HYP A 10 2.98 -7.66 -0.63
HG HYP A 10 2.92 -7.41 -3.34
HD22 HYP A 10 2.78 -5.10 -3.55
HD23 HYP A 10 1.04 -5.45 -3.33
HD1 HYP A 10 1.08 -7.70 -1.31
N CGU A 11 4.50 -3.88 0.32
CA CGU A 11 5.70 -3.01 0.45
C CGU A 11 5.19 -1.59 0.67
O CGU A 11 5.53 -0.94 1.64
CB CGU A 11 6.55 -3.04 -0.82
CG CGU A 11 7.64 -1.97 -0.73
CD1 CGU A 11 7.16 -0.68 -1.39
CD2 CGU A 11 8.90 -2.46 -1.45
OE11 CGU A 11 7.10 0.33 -0.70
OE12 CGU A 11 6.87 -0.71 -2.57
OE21 CGU A 11 9.96 -1.95 -1.16
OE22 CGU A 11 8.77 -3.34 -2.28
H CGU A 11 3.80 -3.84 1.01
HA CGU A 11 6.29 -3.32 1.30
HB2 CGU A 11 5.93 -2.82 -1.68
HB3 CGU A 11 7.00 -4.01 -0.93
HG CGU A 11 7.87 -1.79 0.32
N LEU A 12 4.34 -1.10 -0.19
CA LEU A 12 3.79 0.26 0.02
C LEU A 12 3.05 0.25 1.35
N ILE A 13 2.51 -0.89 1.70
CA ILE A 13 1.77 -1.03 2.97
C ILE A 13 2.75 -1.06 4.15
N ARG A 14 3.90 -1.65 3.96
CA ARG A 14 4.89 -1.71 5.06
C ARG A 14 5.77 -0.48 4.92
N CGU A 15 6.42 -0.36 3.80
CA CGU A 15 7.23 0.83 3.57
C CGU A 15 6.34 2.03 3.87
O CGU A 15 6.78 3.15 4.01
CB CGU A 15 7.67 0.85 2.11
CG CGU A 15 9.13 1.27 1.98
CD1 CGU A 15 9.99 0.05 1.61
CD2 CGU A 15 9.28 2.32 0.88
OE11 CGU A 15 9.90 -0.39 0.49
OE12 CGU A 15 10.72 -0.41 2.48
OE21 CGU A 15 10.13 3.18 1.02
OE22 CGU A 15 8.54 2.25 -0.09
H CGU A 15 6.33 -1.02 3.08
HA CGU A 15 8.09 0.83 4.23
HB2 CGU A 15 7.05 1.54 1.56
HB3 CGU A 15 7.54 -0.14 1.70
HG CGU A 15 9.47 1.68 2.92
N LYS A 16 5.05 1.76 3.98
CA LYS A 16 4.10 2.88 4.28
C LYS A 16 4.69 3.74 5.39
N SER A 17 4.99 3.16 6.52
CA SER A 17 5.56 3.95 7.65
C SER A 17 7.08 3.99 7.52
N ASN A 18 7.69 2.88 7.21
CA ASN A 18 9.17 2.85 7.08
C ASN A 18 9.81 3.45 8.32
N NH2 A 19 9.54 2.94 9.49
HN1 NH2 A 19 8.92 2.18 9.56
HN2 NH2 A 19 9.95 3.32 10.30
N GLY A 1 -13.43 -0.61 -3.64
CA GLY A 1 -12.39 0.36 -4.06
C GLY A 1 -11.05 -0.34 -4.21
N GLU A 2 -10.71 -0.76 -5.40
CA GLU A 2 -9.41 -1.46 -5.60
C GLU A 2 -8.26 -0.44 -5.54
N CGU A 3 -8.50 0.76 -6.00
CA CGU A 3 -7.41 1.79 -5.97
C CGU A 3 -6.75 1.78 -4.59
O CGU A 3 -5.54 1.89 -4.48
CB CGU A 3 -8.02 3.17 -6.25
CG CGU A 3 -6.90 4.21 -6.29
CD1 CGU A 3 -6.54 4.50 -7.74
CD2 CGU A 3 -7.39 5.50 -5.63
OE11 CGU A 3 -7.43 4.61 -8.55
OE12 CGU A 3 -5.36 4.62 -8.02
OE21 CGU A 3 -6.59 6.16 -4.98
OE22 CGU A 3 -8.55 5.82 -5.80
H CGU A 3 -9.37 0.98 -6.37
HA CGU A 3 -6.68 1.56 -6.72
HB2 CGU A 3 -8.71 3.41 -5.45
HB3 CGU A 3 -8.54 3.15 -7.19
HG CGU A 3 -6.03 3.84 -5.76
N CGU A 4 -7.51 1.66 -3.55
CA CGU A 4 -6.91 1.65 -2.18
C CGU A 4 -5.86 0.55 -2.08
O CGU A 4 -4.81 0.73 -1.50
CB CGU A 4 -8.02 1.40 -1.15
CG CGU A 4 -8.48 2.73 -0.56
CD1 CGU A 4 -7.54 3.15 0.56
CD2 CGU A 4 -9.89 2.57 0.02
OE11 CGU A 4 -7.64 2.59 1.64
OE12 CGU A 4 -6.72 4.03 0.34
OE21 CGU A 4 -10.60 3.56 0.05
OE22 CGU A 4 -10.22 1.47 0.42
H CGU A 4 -8.49 1.58 -3.66
HA CGU A 4 -6.46 2.62 -1.99
HB2 CGU A 4 -7.63 0.77 -0.36
HB3 CGU A 4 -8.85 0.90 -1.63
HG CGU A 4 -8.48 3.49 -1.33
N LEU A 5 -6.13 -0.59 -2.65
CA LEU A 5 -5.14 -1.70 -2.59
C LEU A 5 -3.82 -1.24 -3.21
N GLN A 6 -3.87 -0.76 -4.43
CA GLN A 6 -2.62 -0.30 -5.09
C GLN A 6 -1.81 0.58 -4.13
N CGU A 7 -2.47 1.47 -3.44
CA CGU A 7 -1.73 2.37 -2.50
C CGU A 7 -1.11 1.55 -1.36
O CGU A 7 -0.25 2.02 -0.64
CB CGU A 7 -2.70 3.40 -1.92
CG CGU A 7 -3.14 4.36 -3.01
CD1 CGU A 7 -1.92 5.07 -3.60
CD2 CGU A 7 -4.07 5.42 -2.42
OE11 CGU A 7 -1.59 6.15 -3.12
OE12 CGU A 7 -1.33 4.53 -4.52
OE21 CGU A 7 -4.57 6.24 -3.18
OE22 CGU A 7 -4.29 5.39 -1.22
H CGU A 7 -3.43 1.55 -3.53
HA CGU A 7 -0.94 2.88 -3.04
HB2 CGU A 7 -2.20 3.96 -1.13
HB3 CGU A 7 -3.56 2.89 -1.51
HG CGU A 7 -3.65 3.82 -3.79
N ASN A 8 -1.54 0.33 -1.19
CA ASN A 8 -0.98 -0.52 -0.10
C ASN A 8 -0.40 -1.80 -0.68
N GLN A 9 0.23 -1.71 -1.83
CA GLN A 9 0.80 -2.93 -2.46
C GLN A 9 1.90 -3.53 -1.57
N HYP A 10 2.06 -4.82 -1.62
CA HYP A 10 3.11 -5.48 -0.79
C HYP A 10 4.36 -4.62 -0.74
O HYP A 10 5.15 -4.61 -1.66
CB HYP A 10 3.39 -6.81 -1.50
CG HYP A 10 2.48 -6.85 -2.70
CD HYP A 10 2.06 -5.41 -2.96
OD1 HYP A 10 1.35 -7.60 -2.46
HA HYP A 10 2.73 -5.67 0.20
HB2 HYP A 10 4.42 -6.84 -1.82
HB3 HYP A 10 3.17 -7.64 -0.85
HG HYP A 10 3.05 -7.21 -3.55
HD22 HYP A 10 2.78 -4.92 -3.60
HD23 HYP A 10 1.06 -5.38 -3.38
HD1 HYP A 10 1.36 -8.37 -3.04
N CGU A 11 4.51 -3.88 0.33
CA CGU A 11 5.66 -2.95 0.51
C CGU A 11 5.09 -1.58 0.81
O CGU A 11 5.43 -0.96 1.80
CB CGU A 11 6.53 -2.87 -0.74
CG CGU A 11 7.59 -1.78 -0.56
CD1 CGU A 11 7.28 -0.58 -1.45
CD2 CGU A 11 8.97 -2.34 -0.95
OE11 CGU A 11 7.54 -0.68 -2.64
OE12 CGU A 11 6.78 0.40 -0.93
OE21 CGU A 11 9.47 -1.94 -1.99
OE22 CGU A 11 9.48 -3.16 -0.21
H CGU A 11 3.83 -3.92 1.02
HA CGU A 11 6.26 -3.27 1.35
HB2 CGU A 11 5.91 -2.61 -1.59
HB3 CGU A 11 7.01 -3.81 -0.92
HG CGU A 11 7.62 -1.47 0.47
N LEU A 12 4.18 -1.10 0.00
CA LEU A 12 3.58 0.21 0.31
C LEU A 12 3.02 0.10 1.72
N ILE A 13 2.44 -1.03 2.01
CA ILE A 13 1.87 -1.28 3.36
C ILE A 13 2.99 -1.32 4.41
N ARG A 14 4.13 -1.83 4.03
CA ARG A 14 5.27 -1.90 4.98
C ARG A 14 6.00 -0.59 4.91
N CGU A 15 6.50 -0.26 3.76
CA CGU A 15 7.15 1.03 3.61
C CGU A 15 6.21 2.06 4.21
O CGU A 15 6.59 3.17 4.54
CB CGU A 15 7.35 1.29 2.12
CG CGU A 15 8.79 1.69 1.85
CD1 CGU A 15 9.62 0.44 1.57
CD2 CGU A 15 8.86 2.61 0.62
OE11 CGU A 15 10.65 0.57 0.91
OE12 CGU A 15 9.23 -0.62 2.00
OE21 CGU A 15 9.58 3.59 0.67
OE22 CGU A 15 8.17 2.31 -0.35
H CGU A 15 6.40 -0.84 2.98
HA CGU A 15 8.10 1.04 4.12
HB2 CGU A 15 6.69 2.08 1.81
HB3 CGU A 15 7.11 0.39 1.58
HG CGU A 15 9.19 2.20 2.70
N LYS A 16 4.95 1.68 4.38
CA LYS A 16 3.98 2.63 5.00
C LYS A 16 4.57 3.22 6.27
N SER A 17 5.24 2.42 7.05
CA SER A 17 5.84 2.92 8.31
C SER A 17 7.21 3.55 8.01
N ASN A 18 8.11 2.80 7.44
CA ASN A 18 9.45 3.36 7.13
C ASN A 18 9.34 4.32 5.95
N NH2 A 19 10.27 4.34 5.03
HN1 NH2 A 19 11.04 3.72 5.11
HN2 NH2 A 19 10.20 4.95 4.27
N GLY A 1 -12.47 1.92 -5.57
CA GLY A 1 -12.20 1.03 -4.41
C GLY A 1 -10.98 0.16 -4.72
N GLU A 2 -10.64 0.03 -5.97
CA GLU A 2 -9.45 -0.81 -6.34
C GLU A 2 -8.16 -0.02 -6.08
N CGU A 3 -8.23 1.29 -6.20
CA CGU A 3 -7.01 2.11 -5.97
C CGU A 3 -6.55 1.95 -4.52
O CGU A 3 -5.37 1.89 -4.23
CB CGU A 3 -7.33 3.58 -6.24
CG CGU A 3 -6.06 4.41 -6.14
CD1 CGU A 3 -5.16 4.14 -7.35
CD2 CGU A 3 -6.42 5.90 -6.12
OE11 CGU A 3 -5.70 3.88 -8.41
OE12 CGU A 3 -3.95 4.19 -7.18
OE21 CGU A 3 -7.55 6.22 -6.44
OE22 CGU A 3 -5.55 6.70 -5.80
H CGU A 3 -9.08 1.71 -6.44
HA CGU A 3 -6.22 1.79 -6.63
HB2 CGU A 3 -8.05 3.93 -5.52
HB3 CGU A 3 -7.75 3.68 -7.24
HG CGU A 3 -5.53 4.16 -5.23
N CGU A 4 -7.48 1.89 -3.59
CA CGU A 4 -7.11 1.74 -2.16
C CGU A 4 -6.28 0.47 -1.99
O CGU A 4 -5.45 0.37 -1.10
CB CGU A 4 -8.37 1.65 -1.31
CG CGU A 4 -8.89 3.06 -1.02
CD1 CGU A 4 -8.53 3.45 0.42
CD2 CGU A 4 -10.42 3.10 -1.17
OE11 CGU A 4 -9.43 3.74 1.18
OE12 CGU A 4 -7.35 3.45 0.73
OE21 CGU A 4 -11.07 2.31 -0.52
OE22 CGU A 4 -10.90 3.92 -1.93
H CGU A 4 -8.43 1.94 -3.85
HA CGU A 4 -6.53 2.59 -1.85
HB2 CGU A 4 -8.16 1.15 -0.39
HB3 CGU A 4 -9.14 1.10 -1.85
HG CGU A 4 -8.45 3.76 -1.71
N LEU A 5 -6.49 -0.52 -2.81
CA LEU A 5 -5.72 -1.78 -2.69
C LEU A 5 -4.26 -1.53 -3.09
N GLN A 6 -4.04 -1.10 -4.30
CA GLN A 6 -2.65 -0.85 -4.76
C GLN A 6 -1.89 -0.06 -3.68
N CGU A 7 -2.53 0.92 -3.10
CA CGU A 7 -1.85 1.72 -2.04
C CGU A 7 -1.25 0.78 -0.98
O CGU A 7 -0.40 1.17 -0.21
CB CGU A 7 -2.86 2.66 -1.38
CG CGU A 7 -3.12 3.86 -2.31
CD1 CGU A 7 -1.96 4.86 -2.19
CD2 CGU A 7 -4.42 4.55 -1.90
OE11 CGU A 7 -1.12 4.66 -1.33
OE12 CGU A 7 -1.95 5.80 -2.95
OE21 CGU A 7 -5.14 4.98 -2.78
OE22 CGU A 7 -4.67 4.63 -0.70
H CGU A 7 -3.45 1.13 -3.35
HA CGU A 7 -1.05 2.31 -2.49
HB2 CGU A 7 -2.46 3.02 -0.45
HB3 CGU A 7 -3.78 2.14 -1.21
HG CGU A 7 -3.20 3.51 -3.33
N ASN A 8 -1.71 -0.43 -0.95
CA ASN A 8 -1.19 -1.40 0.06
C ASN A 8 -0.40 -2.50 -0.66
N GLN A 9 0.32 -2.16 -1.69
CA GLN A 9 1.10 -3.20 -2.43
C GLN A 9 2.22 -3.74 -1.55
N HYP A 10 2.49 -5.02 -1.61
CA HYP A 10 3.56 -5.58 -0.77
C HYP A 10 4.75 -4.64 -0.76
O HYP A 10 5.53 -4.62 -1.68
CB HYP A 10 3.93 -6.92 -1.44
CG HYP A 10 3.04 -7.05 -2.63
CD HYP A 10 2.51 -5.66 -2.92
OD1 HYP A 10 1.97 -7.89 -2.38
HA HYP A 10 3.20 -5.76 0.25
HB2 HYP A 10 4.96 -6.89 -1.75
HB3 HYP A 10 3.78 -7.74 -0.76
HG HYP A 10 3.64 -7.40 -3.47
HD22 HYP A 10 3.19 -5.14 -3.60
HD23 HYP A 10 1.52 -5.72 -3.34
HD1 HYP A 10 1.90 -8.01 -1.43
N CGU A 11 4.85 -3.83 0.26
CA CGU A 11 5.94 -2.82 0.38
C CGU A 11 5.27 -1.47 0.64
O CGU A 11 5.56 -0.79 1.61
CB CGU A 11 6.77 -2.74 -0.90
CG CGU A 11 7.74 -1.57 -0.80
CD1 CGU A 11 7.10 -0.31 -1.41
CD2 CGU A 11 9.02 -1.89 -1.59
OE11 CGU A 11 7.11 -0.20 -2.62
OE12 CGU A 11 6.62 0.51 -0.64
OE21 CGU A 11 9.30 -1.19 -2.54
OE22 CGU A 11 9.70 -2.83 -1.21
H CGU A 11 4.17 -3.88 0.96
HA CGU A 11 6.57 -3.05 1.23
HB2 CGU A 11 6.11 -2.58 -1.73
HB3 CGU A 11 7.32 -3.66 -1.03
HG CGU A 11 7.98 -1.39 0.24
N LEU A 12 4.36 -1.08 -0.21
CA LEU A 12 3.67 0.21 0.02
C LEU A 12 2.98 0.13 1.37
N ILE A 13 2.57 -1.05 1.74
CA ILE A 13 1.91 -1.27 3.04
C ILE A 13 2.92 -1.15 4.19
N ARG A 14 4.13 -1.61 3.96
CA ARG A 14 5.16 -1.53 5.03
C ARG A 14 5.91 -0.23 4.83
N CGU A 15 6.50 -0.07 3.69
CA CGU A 15 7.18 1.20 3.42
C CGU A 15 6.18 2.30 3.74
O CGU A 15 6.52 3.46 3.84
CB CGU A 15 7.56 1.24 1.95
CG CGU A 15 9.00 1.71 1.78
CD1 CGU A 15 9.93 0.49 1.65
CD2 CGU A 15 9.13 2.56 0.52
OE11 CGU A 15 10.65 0.22 2.59
OE12 CGU A 15 9.89 -0.14 0.61
OE21 CGU A 15 9.89 3.52 0.54
OE22 CGU A 15 8.45 2.26 -0.45
H CGU A 15 6.46 -0.74 2.99
HA CGU A 15 8.06 1.29 4.04
HB2 CGU A 15 6.90 1.91 1.42
HB3 CGU A 15 7.45 0.25 1.53
HG CGU A 15 9.30 2.29 2.64
N LYS A 16 4.94 1.91 3.91
CA LYS A 16 3.91 2.94 4.23
C LYS A 16 4.45 3.88 5.29
N SER A 17 4.87 3.35 6.42
CA SER A 17 5.42 4.23 7.49
C SER A 17 6.93 4.40 7.28
N ASN A 18 7.59 3.37 6.84
CA ASN A 18 9.06 3.47 6.62
C ASN A 18 9.55 2.25 5.84
N NH2 A 19 9.17 1.06 6.22
HN1 NH2 A 19 8.59 0.96 7.00
HN2 NH2 A 19 9.47 0.27 5.72
N GLY A 1 -12.76 0.46 -2.20
CA GLY A 1 -12.20 0.98 -3.48
C GLY A 1 -10.94 0.20 -3.84
N GLU A 2 -10.81 -0.20 -5.08
CA GLU A 2 -9.61 -0.96 -5.50
C GLU A 2 -8.38 -0.05 -5.45
N CGU A 3 -8.58 1.23 -5.47
CA CGU A 3 -7.42 2.17 -5.43
C CGU A 3 -6.69 2.02 -4.09
O CGU A 3 -5.49 2.21 -4.01
CB CGU A 3 -7.93 3.62 -5.57
CG CGU A 3 -6.99 4.38 -6.51
CD1 CGU A 3 -7.23 5.88 -6.35
CD2 CGU A 3 -5.54 4.08 -6.16
OE11 CGU A 3 -8.28 6.35 -6.78
OE12 CGU A 3 -6.36 6.54 -5.81
OE21 CGU A 3 -4.80 3.73 -7.07
OE22 CGU A 3 -5.19 4.19 -5.00
H CGU A 3 -9.50 1.59 -5.50
HA CGU A 3 -6.75 1.95 -6.24
HB2 CGU A 3 -7.93 4.09 -4.60
HB3 CGU A 3 -8.93 3.61 -5.98
HG CGU A 3 -7.20 4.10 -7.54
N CGU A 4 -7.40 1.69 -3.05
CA CGU A 4 -6.73 1.53 -1.72
C CGU A 4 -5.76 0.35 -1.78
O CGU A 4 -4.87 0.24 -0.96
CB CGU A 4 -7.80 1.28 -0.65
CG CGU A 4 -8.19 2.60 0.00
CD1 CGU A 4 -7.07 3.06 0.94
CD2 CGU A 4 -9.47 2.40 0.83
OE11 CGU A 4 -5.95 2.64 0.74
OE12 CGU A 4 -7.36 3.84 1.83
OE21 CGU A 4 -9.89 3.35 1.48
OE22 CGU A 4 -10.00 1.30 0.80
H CGU A 4 -8.36 1.55 -3.14
HA CGU A 4 -6.19 2.43 -1.48
HB2 CGU A 4 -7.41 0.61 0.09
HB3 CGU A 4 -8.67 0.83 -1.11
HG CGU A 4 -8.37 3.34 -0.75
N LEU A 5 -5.94 -0.53 -2.72
CA LEU A 5 -5.02 -1.71 -2.83
C LEU A 5 -3.68 -1.27 -3.41
N GLN A 6 -3.70 -0.75 -4.61
CA GLN A 6 -2.42 -0.32 -5.24
C GLN A 6 -1.63 0.56 -4.27
N CGU A 7 -2.31 1.18 -3.34
CA CGU A 7 -1.60 2.07 -2.36
C CGU A 7 -0.98 1.20 -1.26
O CGU A 7 -0.11 1.65 -0.53
CB CGU A 7 -2.59 3.06 -1.75
CG CGU A 7 -3.05 4.05 -2.83
CD1 CGU A 7 -1.97 5.10 -3.05
CD2 CGU A 7 -4.33 4.74 -2.37
OE11 CGU A 7 -2.30 6.18 -3.52
OE12 CGU A 7 -0.82 4.81 -2.77
OE21 CGU A 7 -4.22 5.81 -1.79
OE22 CGU A 7 -5.39 4.20 -2.61
H CGU A 7 -3.28 1.08 -3.28
HA CGU A 7 -0.81 2.61 -2.88
HB2 CGU A 7 -2.11 3.60 -0.96
HB3 CGU A 7 -3.44 2.52 -1.37
HG CGU A 7 -3.23 3.52 -3.75
N ASN A 8 -1.43 -0.01 -1.12
CA ASN A 8 -0.87 -0.90 -0.06
C ASN A 8 -0.26 -2.15 -0.70
N GLN A 9 0.37 -2.00 -1.83
CA GLN A 9 0.99 -3.17 -2.50
C GLN A 9 2.05 -3.79 -1.59
N HYP A 10 2.18 -5.09 -1.60
CA HYP A 10 3.19 -5.73 -0.72
C HYP A 10 4.46 -4.88 -0.69
O HYP A 10 5.26 -4.92 -1.59
CB HYP A 10 3.47 -7.09 -1.39
CG HYP A 10 2.59 -7.17 -2.59
CD HYP A 10 2.17 -5.75 -2.90
OD1 HYP A 10 1.46 -7.92 -2.35
HA HYP A 10 2.81 -5.88 0.27
HB2 HYP A 10 4.51 -7.15 -1.69
HB3 HYP A 10 3.24 -7.89 -0.70
HG HYP A 10 3.17 -7.56 -3.41
HD22 HYP A 10 2.89 -5.29 -3.57
HD23 HYP A 10 1.18 -5.73 -3.33
HD1 HYP A 10 0.71 -7.33 -2.20
N CGU A 11 4.60 -4.09 0.36
CA CGU A 11 5.76 -3.17 0.53
C CGU A 11 5.20 -1.77 0.70
O CGU A 11 5.52 -1.07 1.64
CB CGU A 11 6.69 -3.20 -0.69
CG CGU A 11 7.81 -2.18 -0.50
CD1 CGU A 11 7.62 -1.02 -1.49
CD2 CGU A 11 9.16 -2.85 -0.79
OE11 CGU A 11 8.62 -0.51 -1.97
OE12 CGU A 11 6.47 -0.67 -1.74
OE21 CGU A 11 9.74 -3.39 0.14
OE22 CGU A 11 9.60 -2.80 -1.93
H CGU A 11 3.90 -4.10 1.05
HA CGU A 11 6.31 -3.43 1.42
HB2 CGU A 11 6.12 -2.96 -1.58
HB3 CGU A 11 7.11 -4.20 -0.79
HG CGU A 11 7.79 -1.81 0.50
N LEU A 12 4.31 -1.36 -0.18
CA LEU A 12 3.72 0.00 -0.01
C LEU A 12 3.04 0.01 1.34
N ILE A 13 2.53 -1.13 1.75
CA ILE A 13 1.84 -1.25 3.06
C ILE A 13 2.87 -1.18 4.19
N ARG A 14 4.04 -1.72 3.97
CA ARG A 14 5.08 -1.67 5.04
C ARG A 14 5.84 -0.38 4.85
N CGU A 15 6.42 -0.21 3.69
CA CGU A 15 7.11 1.04 3.42
C CGU A 15 6.12 2.15 3.70
O CGU A 15 6.45 3.31 3.78
CB CGU A 15 7.52 1.04 1.95
CG CGU A 15 8.98 1.45 1.81
CD1 CGU A 15 9.86 0.20 1.73
CD2 CGU A 15 9.17 2.26 0.53
OE11 CGU A 15 9.62 -0.62 0.86
OE12 CGU A 15 10.77 0.08 2.54
OE21 CGU A 15 9.81 3.30 0.59
OE22 CGU A 15 8.67 1.83 -0.51
H CGU A 15 6.35 -0.88 3.00
HA CGU A 15 7.97 1.14 4.06
HB2 CGU A 15 6.90 1.75 1.41
HB3 CGU A 15 7.38 0.05 1.55
HG CGU A 15 9.27 2.04 2.65
N LYS A 16 4.85 1.79 3.84
CA LYS A 16 3.82 2.82 4.11
C LYS A 16 4.33 3.79 5.18
N SER A 17 4.73 3.26 6.31
CA SER A 17 5.24 4.15 7.40
C SER A 17 6.70 4.51 7.14
N ASN A 18 7.54 3.53 6.93
CA ASN A 18 8.97 3.82 6.68
C ASN A 18 9.10 4.69 5.42
N NH2 A 19 9.78 5.80 5.49
HN1 NH2 A 19 10.21 6.07 6.33
HN2 NH2 A 19 9.87 6.37 4.68
N GLY A 1 -11.99 2.82 -6.59
CA GLY A 1 -11.82 2.38 -5.18
C GLY A 1 -10.77 1.26 -5.12
N GLU A 2 -10.49 0.64 -6.24
CA GLU A 2 -9.47 -0.45 -6.25
C GLU A 2 -8.11 0.12 -5.87
N CGU A 3 -7.93 1.41 -6.00
CA CGU A 3 -6.62 2.02 -5.65
C CGU A 3 -6.30 1.73 -4.18
O CGU A 3 -5.19 1.38 -3.83
CB CGU A 3 -6.68 3.53 -5.86
CG CGU A 3 -5.80 3.92 -7.04
CD1 CGU A 3 -6.17 5.33 -7.53
CD2 CGU A 3 -4.33 3.93 -6.61
OE11 CGU A 3 -5.60 6.28 -7.01
OE12 CGU A 3 -7.01 5.44 -8.40
OE21 CGU A 3 -3.64 4.89 -6.92
OE22 CGU A 3 -3.92 2.96 -5.98
H CGU A 3 -8.66 1.97 -6.34
HA CGU A 3 -5.85 1.60 -6.27
HB2 CGU A 3 -6.33 4.04 -4.97
HB3 CGU A 3 -7.70 3.83 -6.06
HG CGU A 3 -5.94 3.22 -7.85
N CGU A 4 -7.27 1.86 -3.31
CA CGU A 4 -7.03 1.58 -1.87
C CGU A 4 -6.43 0.18 -1.71
O CGU A 4 -5.66 -0.07 -0.80
CB CGU A 4 -8.35 1.66 -1.10
CG CGU A 4 -8.52 3.06 -0.52
CD1 CGU A 4 -7.68 3.19 0.74
CD2 CGU A 4 -9.99 3.29 -0.15
OE11 CGU A 4 -8.08 3.94 1.63
OE12 CGU A 4 -6.64 2.55 0.81
OE21 CGU A 4 -10.42 4.43 -0.23
OE22 CGU A 4 -10.66 2.33 0.19
H CGU A 4 -8.17 2.13 -3.62
HA CGU A 4 -6.35 2.32 -1.47
HB2 CGU A 4 -8.35 0.93 -0.31
HB3 CGU A 4 -9.17 1.44 -1.78
HG CGU A 4 -8.21 3.80 -1.25
N LEU A 5 -6.77 -0.73 -2.58
CA LEU A 5 -6.21 -2.10 -2.47
C LEU A 5 -4.74 -2.08 -2.86
N GLN A 6 -4.45 -1.65 -4.05
CA GLN A 6 -3.03 -1.60 -4.49
C GLN A 6 -2.23 -0.65 -3.60
N CGU A 7 -2.88 0.31 -3.01
CA CGU A 7 -2.16 1.27 -2.12
C CGU A 7 -1.45 0.50 -1.01
O CGU A 7 -0.70 1.06 -0.23
CB CGU A 7 -3.17 2.25 -1.52
CG CGU A 7 -3.47 3.36 -2.53
CD1 CGU A 7 -2.30 4.34 -2.59
CD2 CGU A 7 -4.72 4.12 -2.07
OE11 CGU A 7 -1.33 4.02 -3.25
OE12 CGU A 7 -2.39 5.39 -1.98
OE21 CGU A 7 -5.60 4.32 -2.90
OE22 CGU A 7 -4.78 4.50 -0.91
H CGU A 7 -3.84 0.40 -3.15
HA CGU A 7 -1.43 1.81 -2.70
HB2 CGU A 7 -2.74 2.69 -0.62
HB3 CGU A 7 -4.07 1.73 -1.26
HG CGU A 7 -3.65 2.93 -3.50
N ASN A 8 -1.71 -0.77 -0.90
CA ASN A 8 -1.05 -1.57 0.17
C ASN A 8 -0.29 -2.74 -0.46
N GLN A 9 0.33 -2.54 -1.58
CA GLN A 9 1.09 -3.64 -2.24
C GLN A 9 2.37 -3.94 -1.46
N HYP A 10 2.78 -5.19 -1.45
CA HYP A 10 4.00 -5.57 -0.71
C HYP A 10 5.06 -4.48 -0.86
O HYP A 10 5.74 -4.40 -1.86
CB HYP A 10 4.47 -6.87 -1.38
CG HYP A 10 3.47 -7.19 -2.45
CD HYP A 10 2.74 -5.89 -2.74
OD1 HYP A 10 2.56 -8.13 -2.04
HA HYP A 10 3.77 -5.75 0.33
HB2 HYP A 10 5.45 -6.73 -1.81
HB3 HYP A 10 4.50 -7.68 -0.65
HG HYP A 10 4.01 -7.51 -3.34
HD22 HYP A 10 3.28 -5.33 -3.49
HD23 HYP A 10 1.72 -6.08 -3.04
HD1 HYP A 10 2.36 -8.00 -1.11
N CGU A 11 5.15 -3.64 0.14
CA CGU A 11 6.11 -2.50 0.13
C CGU A 11 5.31 -1.24 0.42
O CGU A 11 5.61 -0.50 1.34
CB CGU A 11 6.80 -2.34 -1.23
CG CGU A 11 7.62 -1.06 -1.23
CD1 CGU A 11 6.87 0.03 -2.00
CD2 CGU A 11 8.97 -1.30 -1.93
OE11 CGU A 11 7.52 0.81 -2.69
OE12 CGU A 11 5.65 0.06 -1.90
OE21 CGU A 11 8.95 -1.84 -3.03
OE22 CGU A 11 9.98 -0.96 -1.36
H CGU A 11 4.56 -3.75 0.90
HA CGU A 11 6.85 -2.64 0.90
HB2 CGU A 11 6.06 -2.29 -2.00
HB3 CGU A 11 7.46 -3.18 -1.40
HG CGU A 11 7.80 -0.73 -0.22
N LEU A 12 4.25 -1.00 -0.32
CA LEU A 12 3.43 0.20 -0.03
C LEU A 12 2.93 0.05 1.41
N ILE A 13 2.71 -1.17 1.81
CA ILE A 13 2.25 -1.45 3.19
C ILE A 13 3.41 -1.29 4.18
N ARG A 14 4.60 -1.63 3.76
CA ARG A 14 5.77 -1.50 4.68
C ARG A 14 6.26 -0.08 4.55
N CGU A 15 6.62 0.30 3.37
CA CGU A 15 7.05 1.68 3.13
C CGU A 15 5.92 2.57 3.62
O CGU A 15 6.06 3.76 3.79
CB CGU A 15 7.27 1.86 1.64
CG CGU A 15 8.63 2.52 1.38
CD1 CGU A 15 9.67 1.43 1.07
CD2 CGU A 15 8.52 3.45 0.16
OE11 CGU A 15 9.48 0.70 0.12
OE12 CGU A 15 10.64 1.36 1.81
OE21 CGU A 15 9.31 3.29 -0.75
OE22 CGU A 15 7.65 4.30 0.18
H CGU A 15 6.56 -0.31 2.61
HA CGU A 15 7.95 1.88 3.69
HB2 CGU A 15 6.48 2.48 1.24
HB3 CGU A 15 7.24 0.89 1.16
HG CGU A 15 8.93 3.08 2.24
N LYS A 16 4.76 1.97 3.86
CA LYS A 16 3.61 2.79 4.35
C LYS A 16 4.07 3.70 5.48
N SER A 17 4.64 3.13 6.52
CA SER A 17 5.11 3.97 7.66
C SER A 17 6.56 4.39 7.40
N ASN A 18 7.32 3.57 6.73
CA ASN A 18 8.74 3.93 6.45
C ASN A 18 9.54 3.94 7.75
N NH2 A 19 10.40 4.90 7.96
HN1 NH2 A 19 10.52 5.61 7.29
HN2 NH2 A 19 10.91 4.92 8.79
#